data_8C58
#
_entry.id   8C58
#
_cell.length_a   84.521
_cell.length_b   84.521
_cell.length_c   172.991
_cell.angle_alpha   90.00
_cell.angle_beta   90.00
_cell.angle_gamma   90.00
#
_symmetry.space_group_name_H-M   'P 41 21 2'
#
loop_
_entity.id
_entity.type
_entity.pdbx_description
1 polymer 'Cytosine-specific methyltransferase'
2 polymer "DNA (5'-D(*CP*CP*AP*CP*AP*TP*GP*(5OC)P*GP*CP*TP*GP*AP*A)-3')"
3 polymer "DNA (5'-D(*GP*TP*TP*CP*AP*GP*(5CM)P*GP*CP*AP*TP*GP*TP*G)-3')"
4 non-polymer S-ADENOSYLMETHIONINE
5 non-polymer GLYCEROL
6 non-polymer 'CARBONATE ION'
7 water water
#
loop_
_entity_poly.entity_id
_entity_poly.type
_entity_poly.pdbx_seq_one_letter_code
_entity_poly.pdbx_strand_id
1 'polypeptide(L)'
;MNSNKDKIKVIKVFEAFAGIGSQFKALKNIARSKNWEIQHSGMVEWFVDAIVSYVAIHSKNFNPKIERLDRDILSISNDS
KMPISEYGIKKINNTIKASYLNYAKKHFNNLFDIKKVNKDNFPKNIDIFTYSFPCQDLSVQGLQKGIDKELNTRSGLLWE
IERILEEIKNSFSKEEMPKYLLMENVKNLLSHKNKKNYNTWLKQLEKFGYKSKTYLLNSKNFDNCQNRERVFCLSIRDDY
LEKTGFKFKELEKVKNPPKKIKDILVDSSNYKYLNLNKYETTTFRETKSNIISRPLKNYTTFNSENYVYNINGIGPTLTA
SGANSRIKIETQQGVRYLTPLECFKYMQFDVNDFKKVQSTNLISENKMIYIAGNSIPVKILEAIFNTLEFVNNEE
;
A
2 'polydeoxyribonucleotide' (DC)(DC)(DA)(DC)(DA)(DT)(DG)(5OC)(DG)(DC)(DT)(DG)(DA)(DA) B
3 'polydeoxyribonucleotide' (DG)(DT)(DT)(DC)(DA)(DG)(5CM)(DG)(DC)(DA)(DT)(DG)(DT)(DG) C
#
loop_
_chem_comp.id
_chem_comp.type
_chem_comp.name
_chem_comp.formula
5CM DNA linking 5-METHYL-2'-DEOXY-CYTIDINE-5'-MONOPHOSPHATE 'C10 H16 N3 O7 P'
5OC DNA linking '2'-deoxy-5-hydroxycytidine 5'-(dihydrogen phosphate)' 'C9 H14 N3 O8 P'
CO3 non-polymer 'CARBONATE ION' 'C O3 -2'
DA DNA linking 2'-DEOXYADENOSINE-5'-MONOPHOSPHATE 'C10 H14 N5 O6 P'
DC DNA linking 2'-DEOXYCYTIDINE-5'-MONOPHOSPHATE 'C9 H14 N3 O7 P'
DG DNA linking 2'-DEOXYGUANOSINE-5'-MONOPHOSPHATE 'C10 H14 N5 O7 P'
DT DNA linking THYMIDINE-5'-MONOPHOSPHATE 'C10 H15 N2 O8 P'
GOL non-polymer GLYCEROL 'C3 H8 O3'
SAM non-polymer S-ADENOSYLMETHIONINE 'C15 H22 N6 O5 S'
#
# COMPACT_ATOMS: atom_id res chain seq x y z
N LYS A 7 -19.69 13.39 -20.24
CA LYS A 7 -19.63 11.92 -20.03
C LYS A 7 -18.51 11.47 -19.08
N ILE A 8 -17.58 12.37 -18.73
CA ILE A 8 -16.58 12.09 -17.70
C ILE A 8 -17.24 11.83 -16.36
N LYS A 9 -16.83 10.77 -15.66
CA LYS A 9 -17.36 10.45 -14.34
C LYS A 9 -16.37 10.85 -13.25
N VAL A 10 -16.81 11.66 -12.30
CA VAL A 10 -15.98 12.06 -11.19
C VAL A 10 -15.97 10.95 -10.14
N ILE A 11 -14.79 10.42 -9.84
CA ILE A 11 -14.66 9.35 -8.87
C ILE A 11 -14.06 9.90 -7.58
N LYS A 12 -14.87 9.92 -6.52
CA LYS A 12 -14.46 10.42 -5.21
C LYS A 12 -13.91 9.26 -4.42
N VAL A 13 -12.65 9.35 -4.00
CA VAL A 13 -11.97 8.24 -3.30
C VAL A 13 -11.58 8.65 -1.88
N PHE A 14 -11.77 7.71 -0.95
CA PHE A 14 -11.39 7.89 0.41
C PHE A 14 -10.48 6.74 0.83
N GLU A 15 -9.24 7.07 1.17
CA GLU A 15 -8.22 6.08 1.45
C GLU A 15 -7.94 6.00 2.95
N ALA A 16 -8.45 4.97 3.62
CA ALA A 16 -8.11 4.73 5.02
C ALA A 16 -6.82 3.94 5.13
N PHE A 17 -5.92 4.39 6.00
CA PHE A 17 -4.56 3.81 6.12
C PHE A 17 -3.84 3.94 4.78
N ALA A 18 -3.79 5.19 4.30
CA ALA A 18 -3.46 5.48 2.92
C ALA A 18 -2.02 5.22 2.52
N GLY A 19 -1.09 5.28 3.48
CA GLY A 19 0.32 5.18 3.19
C GLY A 19 0.77 6.22 2.18
N ILE A 20 1.42 5.76 1.12
CA ILE A 20 1.86 6.63 0.04
C ILE A 20 0.89 6.70 -1.14
N GLY A 21 -0.28 6.11 -0.95
CA GLY A 21 -1.35 6.25 -1.92
C GLY A 21 -1.24 5.39 -3.15
N SER A 22 -0.94 4.10 -2.99
N SER A 22 -0.99 4.10 -2.96
CA SER A 22 -0.94 3.19 -4.15
CA SER A 22 -1.00 3.14 -4.06
C SER A 22 -2.32 3.15 -4.79
C SER A 22 -2.38 3.13 -4.71
N GLN A 23 -3.35 3.27 -3.96
N GLN A 23 -3.42 3.23 -3.89
CA GLN A 23 -4.75 3.24 -4.42
CA GLN A 23 -4.80 3.25 -4.38
C GLN A 23 -5.01 4.46 -5.33
C GLN A 23 -5.01 4.44 -5.31
N PHE A 24 -4.66 5.63 -4.84
CA PHE A 24 -4.82 6.85 -5.63
C PHE A 24 -3.99 6.82 -6.92
N LYS A 25 -2.75 6.33 -6.81
CA LYS A 25 -1.89 6.17 -7.97
C LYS A 25 -2.52 5.25 -9.02
N ALA A 26 -3.05 4.10 -8.60
CA ALA A 26 -3.68 3.17 -9.53
C ALA A 26 -4.85 3.79 -10.25
N LEU A 27 -5.68 4.53 -9.51
CA LEU A 27 -6.86 5.16 -10.11
C LEU A 27 -6.47 6.22 -11.12
N LYS A 28 -5.49 7.04 -10.78
CA LYS A 28 -4.97 8.07 -11.68
C LYS A 28 -4.37 7.45 -12.93
N ASN A 29 -3.69 6.32 -12.77
CA ASN A 29 -3.11 5.59 -13.91
C ASN A 29 -4.14 5.11 -14.93
N ILE A 30 -5.30 4.65 -14.47
CA ILE A 30 -6.32 4.12 -15.39
C ILE A 30 -7.41 5.12 -15.76
N ALA A 31 -7.39 6.30 -15.15
CA ALA A 31 -8.50 7.23 -15.26
C ALA A 31 -8.86 7.54 -16.72
N ARG A 32 -7.86 7.97 -17.49
CA ARG A 32 -8.08 8.29 -18.92
C ARG A 32 -8.82 7.17 -19.66
N SER A 33 -8.34 5.94 -19.52
CA SER A 33 -8.93 4.80 -20.21
C SER A 33 -10.36 4.46 -19.77
N LYS A 34 -10.78 4.97 -18.61
CA LYS A 34 -12.15 4.78 -18.10
C LYS A 34 -13.02 6.04 -18.28
N ASN A 35 -12.44 7.11 -18.81
CA ASN A 35 -13.06 8.43 -18.82
C ASN A 35 -13.50 8.85 -17.40
N TRP A 36 -12.59 8.69 -16.45
CA TRP A 36 -12.80 9.10 -15.06
C TRP A 36 -11.94 10.30 -14.71
N GLU A 37 -12.42 11.09 -13.77
CA GLU A 37 -11.62 12.13 -13.13
C GLU A 37 -11.57 11.74 -11.66
N ILE A 38 -10.37 11.54 -11.13
CA ILE A 38 -10.21 11.09 -9.75
C ILE A 38 -10.11 12.29 -8.81
N GLN A 39 -10.80 12.21 -7.68
CA GLN A 39 -10.85 13.28 -6.71
C GLN A 39 -10.57 12.73 -5.31
N HIS A 40 -9.76 13.43 -4.53
CA HIS A 40 -9.59 13.09 -3.11
C HIS A 40 -10.84 13.49 -2.36
N SER A 41 -11.56 12.51 -1.83
CA SER A 41 -12.66 12.77 -0.90
C SER A 41 -12.11 12.92 0.52
N GLY A 42 -10.98 12.27 0.78
CA GLY A 42 -10.37 12.29 2.09
C GLY A 42 -9.44 11.13 2.26
N MET A 43 -8.72 11.13 3.37
CA MET A 43 -7.80 10.06 3.69
C MET A 43 -7.56 9.98 5.19
N VAL A 44 -7.00 8.87 5.62
CA VAL A 44 -6.62 8.69 7.01
C VAL A 44 -5.24 8.09 7.03
N GLU A 45 -4.26 8.87 7.46
CA GLU A 45 -2.90 8.38 7.59
C GLU A 45 -2.18 9.22 8.63
N TRP A 46 -1.64 8.57 9.64
CA TRP A 46 -1.02 9.27 10.76
C TRP A 46 0.51 9.24 10.79
N PHE A 47 1.11 8.45 9.90
CA PHE A 47 2.57 8.25 9.86
C PHE A 47 3.24 9.40 9.12
N VAL A 48 3.98 10.21 9.87
CA VAL A 48 4.56 11.46 9.32
C VAL A 48 5.31 11.27 8.00
N ASP A 49 6.17 10.27 7.90
N ASP A 49 6.18 10.26 7.94
CA ASP A 49 6.94 10.14 6.68
CA ASP A 49 6.94 9.97 6.70
C ASP A 49 6.11 9.57 5.50
C ASP A 49 6.05 9.64 5.53
N ALA A 50 5.03 8.84 5.78
CA ALA A 50 4.08 8.47 4.74
C ALA A 50 3.31 9.71 4.27
N ILE A 51 2.92 10.57 5.20
CA ILE A 51 2.13 11.75 4.84
C ILE A 51 2.97 12.69 3.96
N VAL A 52 4.19 12.93 4.41
CA VAL A 52 5.12 13.72 3.64
C VAL A 52 5.27 13.15 2.23
N SER A 53 5.46 11.84 2.14
CA SER A 53 5.69 11.19 0.86
C SER A 53 4.44 11.21 -0.02
N TYR A 54 3.28 11.00 0.59
CA TYR A 54 2.00 11.05 -0.11
C TYR A 54 1.85 12.44 -0.77
N VAL A 55 2.10 13.47 0.03
CA VAL A 55 1.98 14.85 -0.47
C VAL A 55 2.98 15.10 -1.61
N ALA A 56 4.21 14.63 -1.43
CA ALA A 56 5.24 14.77 -2.47
C ALA A 56 4.81 14.13 -3.78
N ILE A 57 4.26 12.93 -3.71
CA ILE A 57 3.91 12.17 -4.90
C ILE A 57 2.66 12.72 -5.58
N HIS A 58 1.65 13.07 -4.79
CA HIS A 58 0.33 13.35 -5.34
C HIS A 58 -0.03 14.82 -5.45
N SER A 59 0.71 15.71 -4.80
CA SER A 59 0.35 17.13 -4.85
C SER A 59 0.71 17.75 -6.18
N LYS A 60 -0.03 18.79 -6.54
N LYS A 60 -0.05 18.77 -6.55
CA LYS A 60 0.21 19.57 -7.74
CA LYS A 60 0.21 19.58 -7.74
C LYS A 60 0.41 21.01 -7.29
C LYS A 60 0.42 21.01 -7.28
N ASN A 61 1.55 21.60 -7.66
CA ASN A 61 1.86 22.99 -7.29
C ASN A 61 1.92 23.27 -5.77
N PHE A 62 2.33 22.29 -4.98
CA PHE A 62 2.58 22.51 -3.56
C PHE A 62 3.99 23.04 -3.41
N ASN A 63 4.13 24.17 -2.71
CA ASN A 63 5.43 24.75 -2.41
C ASN A 63 5.71 24.72 -0.91
N PRO A 64 6.54 23.76 -0.46
CA PRO A 64 6.87 23.63 0.95
C PRO A 64 7.51 24.89 1.54
N LYS A 65 7.21 25.20 2.79
CA LYS A 65 7.88 26.28 3.51
C LYS A 65 7.70 26.11 5.01
N ILE A 66 8.45 26.87 5.79
CA ILE A 66 8.39 26.77 7.24
C ILE A 66 7.03 27.25 7.72
N GLU A 67 6.35 26.41 8.50
CA GLU A 67 5.03 26.74 9.03
C GLU A 67 4.83 26.24 10.45
N ARG A 68 3.90 26.87 11.17
N ARG A 68 3.90 26.87 11.17
CA ARG A 68 3.39 26.34 12.42
CA ARG A 68 3.39 26.34 12.42
C ARG A 68 2.50 25.15 12.08
C ARG A 68 2.52 25.14 12.06
N LEU A 69 2.58 24.09 12.87
CA LEU A 69 1.71 22.93 12.67
C LEU A 69 0.30 23.33 13.13
N ASP A 70 -0.71 23.03 12.32
CA ASP A 70 -2.09 23.27 12.75
C ASP A 70 -2.34 22.68 14.13
N ARG A 71 -3.02 23.46 14.97
CA ARG A 71 -3.20 23.12 16.39
C ARG A 71 -4.00 21.85 16.64
N ASP A 72 -4.79 21.38 15.68
CA ASP A 72 -5.52 20.14 15.91
C ASP A 72 -4.86 18.92 15.29
N ILE A 73 -3.68 19.09 14.68
CA ILE A 73 -2.93 17.93 14.20
C ILE A 73 -2.16 17.39 15.38
N LEU A 74 -2.81 16.47 16.08
CA LEU A 74 -2.32 16.02 17.38
C LEU A 74 -2.06 14.53 17.45
N SER A 75 -2.78 13.74 16.69
CA SER A 75 -2.54 12.31 16.69
C SER A 75 -1.84 11.87 15.41
N ILE A 76 -0.51 11.88 15.47
CA ILE A 76 0.34 11.47 14.36
C ILE A 76 1.43 10.61 14.96
N SER A 77 2.26 10.03 14.12
CA SER A 77 3.27 9.07 14.57
C SER A 77 4.52 9.17 13.73
N ASN A 78 5.69 9.14 14.39
CA ASN A 78 6.97 9.14 13.68
C ASN A 78 7.44 7.76 13.26
N ASP A 79 6.96 6.71 13.92
CA ASP A 79 7.36 5.34 13.58
C ASP A 79 6.27 4.48 12.93
N SER A 80 5.04 4.98 12.93
CA SER A 80 3.84 4.32 12.34
C SER A 80 3.07 3.45 13.36
N LYS A 81 3.70 3.17 14.50
CA LYS A 81 3.14 2.28 15.53
C LYS A 81 2.65 3.05 16.75
N MET A 82 3.45 4.00 17.22
CA MET A 82 3.16 4.71 18.47
C MET A 82 2.91 6.20 18.22
N PRO A 83 2.03 6.80 19.04
CA PRO A 83 1.75 8.22 18.85
C PRO A 83 2.93 9.08 19.26
N ILE A 84 3.08 10.22 18.61
CA ILE A 84 4.16 11.16 18.89
C ILE A 84 3.89 11.85 20.23
N SER A 85 4.94 12.19 20.96
CA SER A 85 4.79 12.94 22.21
C SER A 85 4.55 14.42 21.96
N GLU A 86 4.16 15.15 23.00
N GLU A 86 4.15 15.14 23.01
CA GLU A 86 4.01 16.60 22.93
CA GLU A 86 4.03 16.60 22.95
C GLU A 86 5.31 17.26 22.45
C GLU A 86 5.31 17.25 22.44
N TYR A 87 6.45 16.71 22.88
CA TYR A 87 7.76 17.21 22.48
C TYR A 87 8.01 16.99 20.99
N GLY A 88 7.72 15.79 20.51
CA GLY A 88 7.86 15.48 19.10
C GLY A 88 7.03 16.42 18.24
N ILE A 89 5.83 16.77 18.71
CA ILE A 89 4.97 17.71 18.00
C ILE A 89 5.64 19.07 17.95
N LYS A 90 6.18 19.50 19.09
N LYS A 90 6.18 19.50 19.08
CA LYS A 90 6.97 20.73 19.17
CA LYS A 90 6.93 20.75 19.15
C LYS A 90 8.09 20.74 18.12
C LYS A 90 8.09 20.76 18.15
N LYS A 91 8.80 19.62 17.98
N LYS A 91 8.77 19.64 18.00
CA LYS A 91 9.90 19.54 17.02
CA LYS A 91 9.88 19.54 17.04
C LYS A 91 9.46 19.66 15.56
C LYS A 91 9.45 19.72 15.58
N ILE A 92 8.22 19.30 15.25
CA ILE A 92 7.68 19.45 13.89
C ILE A 92 7.16 20.87 13.68
N ASN A 93 6.59 21.45 14.73
CA ASN A 93 6.11 22.82 14.69
C ASN A 93 7.24 23.77 14.22
N ASN A 94 6.92 24.66 13.28
CA ASN A 94 7.89 25.65 12.74
C ASN A 94 9.02 25.02 11.94
N THR A 95 8.64 24.10 11.05
CA THR A 95 9.54 23.49 10.08
C THR A 95 8.86 23.39 8.72
N ILE A 96 9.65 23.09 7.70
CA ILE A 96 9.12 22.78 6.37
C ILE A 96 8.21 21.55 6.45
N LYS A 97 8.59 20.59 7.28
CA LYS A 97 7.82 19.37 7.45
C LYS A 97 6.38 19.64 7.86
N ALA A 98 6.19 20.58 8.78
CA ALA A 98 4.85 20.99 9.20
C ALA A 98 3.97 21.35 8.00
N SER A 99 4.54 22.00 6.98
CA SER A 99 3.74 22.44 5.83
C SER A 99 3.18 21.26 5.03
N TYR A 100 3.91 20.14 5.00
CA TYR A 100 3.39 18.92 4.37
C TYR A 100 2.15 18.40 5.12
N LEU A 101 2.21 18.39 6.45
CA LEU A 101 1.11 17.88 7.26
C LEU A 101 -0.10 18.81 7.15
N ASN A 102 0.15 20.12 7.19
CA ASN A 102 -0.92 21.10 6.99
C ASN A 102 -1.57 20.96 5.60
N TYR A 103 -0.76 20.69 4.58
CA TYR A 103 -1.28 20.52 3.21
C TYR A 103 -2.14 19.25 3.10
N ALA A 104 -1.69 18.16 3.71
CA ALA A 104 -2.49 16.92 3.73
C ALA A 104 -3.87 17.14 4.38
N LYS A 105 -3.88 17.91 5.47
CA LYS A 105 -5.12 18.24 6.17
C LYS A 105 -6.03 19.07 5.27
N LYS A 106 -5.50 20.17 4.74
CA LYS A 106 -6.32 21.15 4.03
C LYS A 106 -6.71 20.72 2.61
N HIS A 107 -5.77 20.18 1.85
CA HIS A 107 -6.03 19.86 0.44
C HIS A 107 -6.44 18.42 0.18
N PHE A 108 -5.98 17.48 1.00
CA PHE A 108 -6.37 16.07 0.81
C PHE A 108 -7.38 15.61 1.86
N ASN A 109 -7.77 16.49 2.77
CA ASN A 109 -8.72 16.14 3.84
C ASN A 109 -8.27 14.91 4.62
N ASN A 110 -7.00 14.93 5.02
CA ASN A 110 -6.46 13.91 5.89
C ASN A 110 -7.01 14.14 7.28
N LEU A 111 -7.70 13.13 7.80
CA LEU A 111 -8.24 13.12 9.16
C LEU A 111 -7.29 12.44 10.18
N PHE A 112 -6.17 11.92 9.65
CA PHE A 112 -4.98 11.49 10.41
C PHE A 112 -5.14 10.18 11.16
N ASP A 113 -6.05 10.13 12.12
CA ASP A 113 -6.21 8.99 13.00
C ASP A 113 -7.62 8.44 12.83
N ILE A 114 -7.72 7.15 12.55
CA ILE A 114 -9.01 6.50 12.32
C ILE A 114 -9.96 6.62 13.53
N LYS A 115 -9.40 6.69 14.73
CA LYS A 115 -10.21 6.88 15.95
C LYS A 115 -10.93 8.23 15.98
N LYS A 116 -10.45 9.19 15.20
N LYS A 116 -10.46 9.19 15.19
CA LYS A 116 -11.06 10.51 15.13
CA LYS A 116 -11.04 10.51 15.12
C LYS A 116 -12.04 10.68 13.96
C LYS A 116 -12.03 10.67 13.97
N VAL A 117 -12.27 9.60 13.21
CA VAL A 117 -13.20 9.63 12.09
C VAL A 117 -14.57 9.17 12.60
N ASN A 118 -15.60 9.91 12.23
CA ASN A 118 -16.95 9.61 12.66
C ASN A 118 -17.94 10.11 11.61
N LYS A 119 -19.22 9.89 11.84
CA LYS A 119 -20.22 10.32 10.88
C LYS A 119 -20.31 11.83 10.64
N ASP A 120 -19.71 12.62 11.53
N ASP A 120 -19.72 12.64 11.52
CA ASP A 120 -19.68 14.08 11.41
CA ASP A 120 -19.71 14.09 11.35
C ASP A 120 -18.59 14.60 10.46
C ASP A 120 -18.55 14.63 10.51
N ASN A 121 -17.55 13.80 10.20
CA ASN A 121 -16.47 14.18 9.28
C ASN A 121 -16.19 13.20 8.12
N PHE A 122 -16.90 12.07 8.10
CA PHE A 122 -16.75 11.10 7.02
C PHE A 122 -17.54 11.60 5.81
N PRO A 123 -16.89 11.75 4.65
CA PRO A 123 -17.56 12.33 3.49
C PRO A 123 -18.73 11.49 2.97
N LYS A 124 -19.77 12.17 2.52
CA LYS A 124 -20.90 11.50 1.88
C LYS A 124 -20.58 11.24 0.42
N ASN A 125 -21.25 10.24 -0.14
CA ASN A 125 -21.23 9.93 -1.56
C ASN A 125 -19.87 9.46 -2.11
N ILE A 126 -19.08 8.82 -1.25
CA ILE A 126 -17.80 8.25 -1.69
C ILE A 126 -18.05 7.14 -2.73
N ASP A 127 -17.26 7.16 -3.79
CA ASP A 127 -17.35 6.15 -4.83
C ASP A 127 -16.48 4.93 -4.49
N ILE A 128 -15.30 5.17 -3.94
CA ILE A 128 -14.36 4.10 -3.59
C ILE A 128 -13.76 4.38 -2.21
N PHE A 129 -13.97 3.45 -1.28
CA PHE A 129 -13.41 3.51 0.07
C PHE A 129 -12.42 2.37 0.21
N THR A 130 -11.16 2.68 0.51
CA THR A 130 -10.15 1.66 0.66
C THR A 130 -9.69 1.55 2.10
N TYR A 131 -9.31 0.34 2.50
CA TYR A 131 -8.93 0.11 3.89
C TYR A 131 -8.12 -1.16 4.11
N SER A 132 -7.76 -1.42 5.36
N SER A 132 -7.75 -1.40 5.36
N SER A 132 -7.76 -1.42 5.36
CA SER A 132 -7.00 -2.60 5.74
CA SER A 132 -6.94 -2.56 5.75
CA SER A 132 -7.04 -2.62 5.75
C SER A 132 -7.03 -2.70 7.26
C SER A 132 -7.10 -2.73 7.26
C SER A 132 -7.10 -2.74 7.26
N PHE A 133 -6.51 -3.80 7.81
CA PHE A 133 -6.46 -4.01 9.26
C PHE A 133 -5.54 -5.19 9.55
N PRO A 134 -4.85 -5.19 10.72
CA PRO A 134 -4.04 -6.39 11.04
C PRO A 134 -4.91 -7.55 11.49
N CYS A 135 -4.42 -8.78 11.31
CA CYS A 135 -5.20 -9.98 11.60
C CYS A 135 -5.68 -10.08 13.05
N GLN A 136 -4.90 -9.55 13.99
CA GLN A 136 -5.31 -9.51 15.41
C GLN A 136 -6.69 -8.87 15.59
N ASP A 137 -6.99 -7.85 14.78
CA ASP A 137 -8.24 -7.07 14.91
C ASP A 137 -9.51 -7.91 14.77
N LEU A 138 -9.38 -9.10 14.20
CA LEU A 138 -10.50 -10.05 14.10
C LEU A 138 -10.90 -10.62 15.47
N SER A 139 -9.97 -10.62 16.43
CA SER A 139 -10.21 -11.14 17.78
C SER A 139 -10.57 -10.02 18.77
N VAL A 140 -10.88 -10.42 20.00
CA VAL A 140 -11.35 -9.49 21.04
C VAL A 140 -10.26 -8.52 21.54
N GLN A 141 -9.05 -9.02 21.79
CA GLN A 141 -7.96 -8.19 22.32
C GLN A 141 -6.62 -8.90 22.15
N THR A 153 -17.00 -10.32 17.81
CA THR A 153 -16.52 -9.02 18.26
C THR A 153 -15.08 -8.75 17.76
N ARG A 154 -14.84 -7.54 17.27
CA ARG A 154 -13.54 -7.15 16.71
C ARG A 154 -12.85 -6.11 17.59
N SER A 155 -11.62 -5.75 17.23
CA SER A 155 -10.81 -4.80 18.00
C SER A 155 -9.96 -3.88 17.13
N GLY A 156 -9.30 -2.92 17.76
CA GLY A 156 -8.32 -2.08 17.09
C GLY A 156 -8.86 -1.38 15.86
N LEU A 157 -8.08 -1.40 14.79
CA LEU A 157 -8.40 -0.65 13.57
C LEU A 157 -9.69 -1.11 12.90
N LEU A 158 -9.99 -2.41 12.96
CA LEU A 158 -11.21 -2.94 12.34
C LEU A 158 -12.44 -2.52 13.13
N TRP A 159 -12.35 -2.58 14.46
CA TRP A 159 -13.41 -2.07 15.32
C TRP A 159 -13.74 -0.62 14.95
N GLU A 160 -12.71 0.16 14.64
CA GLU A 160 -12.93 1.56 14.23
C GLU A 160 -13.62 1.64 12.85
N ILE A 161 -13.21 0.80 11.92
CA ILE A 161 -13.84 0.75 10.59
C ILE A 161 -15.32 0.34 10.77
N GLU A 162 -15.55 -0.70 11.54
CA GLU A 162 -16.89 -1.18 11.88
C GLU A 162 -17.72 -0.09 12.54
N ARG A 163 -17.14 0.60 13.53
CA ARG A 163 -17.80 1.71 14.19
C ARG A 163 -18.20 2.78 13.19
N ILE A 164 -17.29 3.14 12.30
CA ILE A 164 -17.58 4.18 11.30
C ILE A 164 -18.71 3.75 10.37
N LEU A 165 -18.64 2.52 9.87
CA LEU A 165 -19.70 2.02 8.99
C LEU A 165 -21.06 2.01 9.71
N GLU A 166 -21.08 1.51 10.94
N GLU A 166 -21.07 1.52 10.95
CA GLU A 166 -22.29 1.55 11.78
CA GLU A 166 -22.27 1.54 11.78
C GLU A 166 -22.83 2.97 11.90
C GLU A 166 -22.84 2.96 11.94
N GLU A 167 -21.97 3.91 12.27
CA GLU A 167 -22.38 5.31 12.43
C GLU A 167 -22.97 5.92 11.16
N ILE A 168 -22.28 5.77 10.03
CA ILE A 168 -22.77 6.39 8.80
C ILE A 168 -24.03 5.71 8.26
N LYS A 169 -24.16 4.41 8.50
N LYS A 169 -24.18 4.42 8.51
CA LYS A 169 -25.37 3.67 8.14
CA LYS A 169 -25.38 3.70 8.09
C LYS A 169 -26.61 4.34 8.72
C LYS A 169 -26.63 4.31 8.73
N ASN A 170 -26.51 4.75 9.98
CA ASN A 170 -27.62 5.38 10.70
C ASN A 170 -27.90 6.84 10.32
N SER A 171 -26.87 7.57 9.89
CA SER A 171 -27.01 9.00 9.59
C SER A 171 -27.12 9.30 8.11
N PHE A 172 -26.51 8.47 7.27
CA PHE A 172 -26.51 8.69 5.83
C PHE A 172 -27.72 7.99 5.22
N SER A 173 -28.22 8.52 4.10
CA SER A 173 -29.08 7.74 3.22
C SER A 173 -28.24 6.60 2.65
N LYS A 174 -28.90 5.54 2.19
N LYS A 174 -28.90 5.55 2.18
CA LYS A 174 -28.19 4.42 1.59
CA LYS A 174 -28.18 4.43 1.58
C LYS A 174 -27.36 4.86 0.39
C LYS A 174 -27.35 4.86 0.37
N GLU A 175 -27.88 5.83 -0.37
N GLU A 175 -27.86 5.84 -0.38
CA GLU A 175 -27.18 6.35 -1.54
CA GLU A 175 -27.16 6.34 -1.57
C GLU A 175 -25.92 7.14 -1.21
C GLU A 175 -25.91 7.17 -1.22
N GLU A 176 -25.84 7.69 0.00
CA GLU A 176 -24.68 8.45 0.47
C GLU A 176 -23.54 7.57 0.99
N MET A 177 -23.80 6.30 1.22
N MET A 177 -23.83 6.29 1.22
CA MET A 177 -22.77 5.40 1.70
CA MET A 177 -22.82 5.32 1.65
C MET A 177 -21.84 5.00 0.56
C MET A 177 -21.82 5.05 0.52
N PRO A 178 -20.57 4.68 0.88
CA PRO A 178 -19.61 4.33 -0.15
C PRO A 178 -20.15 3.29 -1.15
N LYS A 179 -19.92 3.50 -2.44
CA LYS A 179 -20.41 2.57 -3.45
C LYS A 179 -19.61 1.27 -3.50
N TYR A 180 -18.28 1.40 -3.42
CA TYR A 180 -17.38 0.25 -3.37
C TYR A 180 -16.47 0.35 -2.15
N LEU A 181 -16.17 -0.79 -1.54
CA LEU A 181 -15.12 -0.88 -0.53
C LEU A 181 -14.01 -1.81 -1.04
N LEU A 182 -12.76 -1.50 -0.73
CA LEU A 182 -11.67 -2.43 -1.06
C LEU A 182 -10.71 -2.58 0.11
N MET A 183 -10.64 -3.78 0.65
CA MET A 183 -9.66 -4.14 1.67
C MET A 183 -8.44 -4.77 1.01
N GLU A 184 -7.26 -4.45 1.50
CA GLU A 184 -6.05 -5.21 1.17
C GLU A 184 -5.51 -5.76 2.48
N ASN A 185 -4.91 -6.94 2.41
N ASN A 185 -4.93 -6.95 2.43
CA ASN A 185 -4.34 -7.60 3.57
CA ASN A 185 -4.09 -7.42 3.52
C ASN A 185 -3.32 -8.66 3.15
C ASN A 185 -3.28 -8.64 3.14
N VAL A 186 -2.52 -9.13 4.12
CA VAL A 186 -1.54 -10.16 3.87
C VAL A 186 -2.21 -11.52 3.79
N LYS A 187 -1.47 -12.49 3.24
N LYS A 187 -1.46 -12.48 3.25
CA LYS A 187 -1.98 -13.83 2.95
CA LYS A 187 -1.93 -13.82 2.96
C LYS A 187 -2.48 -14.58 4.18
C LYS A 187 -2.45 -14.57 4.19
N ASN A 188 -1.85 -14.31 5.32
N ASN A 188 -1.83 -14.28 5.33
CA ASN A 188 -2.20 -15.00 6.56
CA ASN A 188 -2.17 -14.94 6.59
C ASN A 188 -3.58 -14.65 7.12
C ASN A 188 -3.58 -14.65 7.09
N LEU A 189 -4.25 -13.66 6.50
CA LEU A 189 -5.67 -13.40 6.78
C LEU A 189 -6.54 -14.63 6.49
N LEU A 190 -6.08 -15.49 5.59
CA LEU A 190 -6.80 -16.71 5.25
C LEU A 190 -6.26 -17.97 5.94
N SER A 191 -5.44 -17.82 6.97
CA SER A 191 -4.87 -18.97 7.70
C SER A 191 -5.97 -19.71 8.49
N HIS A 192 -5.60 -20.87 9.02
CA HIS A 192 -6.53 -21.66 9.86
C HIS A 192 -7.05 -20.85 11.04
N LYS A 193 -6.16 -20.13 11.71
N LYS A 193 -6.17 -20.13 11.72
CA LYS A 193 -6.52 -19.37 12.91
CA LYS A 193 -6.53 -19.36 12.91
C LYS A 193 -7.34 -18.09 12.63
C LYS A 193 -7.36 -18.11 12.62
N ASN A 194 -7.25 -17.57 11.40
CA ASN A 194 -7.90 -16.30 11.05
C ASN A 194 -9.12 -16.36 10.13
N LYS A 195 -9.27 -17.43 9.35
N LYS A 195 -9.27 -17.44 9.36
CA LYS A 195 -10.22 -17.41 8.23
CA LYS A 195 -10.21 -17.46 8.23
C LYS A 195 -11.70 -17.37 8.64
C LYS A 195 -11.68 -17.38 8.64
N LYS A 196 -12.06 -18.08 9.70
CA LYS A 196 -13.46 -18.07 10.18
C LYS A 196 -13.87 -16.66 10.65
N ASN A 197 -13.01 -16.03 11.44
CA ASN A 197 -13.26 -14.67 11.93
C ASN A 197 -13.20 -13.62 10.82
N TYR A 198 -12.43 -13.90 9.76
CA TYR A 198 -12.48 -13.07 8.56
C TYR A 198 -13.85 -13.21 7.94
N ASN A 199 -14.36 -14.43 7.86
CA ASN A 199 -15.70 -14.67 7.32
C ASN A 199 -16.79 -13.94 8.10
N THR A 200 -16.61 -13.75 9.41
CA THR A 200 -17.61 -13.00 10.19
C THR A 200 -17.56 -11.51 9.87
N TRP A 201 -16.37 -10.97 9.61
CA TRP A 201 -16.27 -9.62 9.06
C TRP A 201 -17.09 -9.50 7.76
N LEU A 202 -16.95 -10.48 6.87
CA LEU A 202 -17.73 -10.48 5.62
C LEU A 202 -19.25 -10.48 5.89
N LYS A 203 -19.67 -11.25 6.90
CA LYS A 203 -21.08 -11.25 7.35
C LYS A 203 -21.51 -9.84 7.78
N GLN A 204 -20.62 -9.18 8.51
CA GLN A 204 -20.88 -7.83 9.00
C GLN A 204 -21.05 -6.84 7.84
N LEU A 205 -20.20 -6.96 6.82
CA LEU A 205 -20.33 -6.14 5.62
C LEU A 205 -21.67 -6.39 4.92
N GLU A 206 -22.08 -7.65 4.90
CA GLU A 206 -23.43 -7.99 4.45
C GLU A 206 -24.50 -7.26 5.24
N LYS A 207 -24.38 -7.26 6.57
CA LYS A 207 -25.34 -6.54 7.41
C LYS A 207 -25.34 -5.03 7.14
N PHE A 208 -24.21 -4.50 6.70
CA PHE A 208 -24.12 -3.08 6.31
C PHE A 208 -24.65 -2.78 4.91
N GLY A 209 -24.99 -3.82 4.15
CA GLY A 209 -25.55 -3.64 2.80
C GLY A 209 -24.56 -3.82 1.64
N TYR A 210 -23.55 -4.65 1.85
CA TYR A 210 -22.50 -4.88 0.85
C TYR A 210 -22.42 -6.34 0.49
N LYS A 211 -22.23 -6.61 -0.80
CA LYS A 211 -21.89 -7.94 -1.26
C LYS A 211 -20.39 -7.92 -1.60
N SER A 212 -19.67 -8.97 -1.20
CA SER A 212 -18.22 -8.97 -1.32
C SER A 212 -17.66 -10.21 -1.99
N LYS A 213 -16.47 -10.08 -2.59
CA LYS A 213 -15.70 -11.20 -3.11
C LYS A 213 -14.26 -11.09 -2.64
N THR A 214 -13.73 -12.22 -2.18
CA THR A 214 -12.33 -12.31 -1.75
C THR A 214 -11.46 -12.80 -2.90
N TYR A 215 -10.34 -12.11 -3.11
CA TYR A 215 -9.35 -12.51 -4.11
C TYR A 215 -7.99 -12.69 -3.42
N LEU A 216 -7.32 -13.79 -3.73
CA LEU A 216 -5.91 -13.94 -3.36
C LEU A 216 -5.12 -13.77 -4.63
N LEU A 217 -4.30 -12.71 -4.71
CA LEU A 217 -3.64 -12.32 -5.94
C LEU A 217 -2.14 -12.18 -5.76
N ASN A 218 -1.38 -12.62 -6.76
CA ASN A 218 0.06 -12.50 -6.72
C ASN A 218 0.51 -11.44 -7.72
N SER A 219 1.29 -10.48 -7.22
CA SER A 219 1.85 -9.42 -8.06
C SER A 219 2.53 -9.95 -9.31
N LYS A 220 3.13 -11.13 -9.22
CA LYS A 220 3.89 -11.67 -10.35
C LYS A 220 2.99 -11.91 -11.57
N ASN A 221 1.69 -12.06 -11.35
CA ASN A 221 0.72 -12.26 -12.42
C ASN A 221 0.17 -10.97 -12.99
N PHE A 222 0.56 -9.85 -12.38
CA PHE A 222 0.14 -8.51 -12.81
C PHE A 222 1.33 -7.64 -13.19
N ASP A 223 2.12 -8.16 -14.14
N ASP A 223 2.12 -8.17 -14.13
CA ASP A 223 3.23 -7.45 -14.77
CA ASP A 223 3.22 -7.46 -14.78
C ASP A 223 4.31 -7.00 -13.82
C ASP A 223 4.30 -7.00 -13.81
N ASN A 224 4.59 -7.81 -12.79
CA ASN A 224 5.65 -7.48 -11.84
C ASN A 224 6.66 -8.60 -11.68
N CYS A 225 7.87 -8.21 -11.27
CA CYS A 225 8.97 -9.14 -11.03
C CYS A 225 9.12 -9.45 -9.53
N GLN A 226 8.00 -9.45 -8.82
CA GLN A 226 7.96 -9.66 -7.38
C GLN A 226 6.94 -10.74 -7.04
N ASN A 227 7.37 -11.73 -6.28
CA ASN A 227 6.44 -12.64 -5.62
C ASN A 227 5.81 -11.91 -4.44
N ARG A 228 4.51 -11.66 -4.51
CA ARG A 228 3.80 -10.97 -3.43
C ARG A 228 2.33 -11.35 -3.49
N GLU A 229 1.93 -12.20 -2.56
CA GLU A 229 0.56 -12.66 -2.46
C GLU A 229 -0.20 -11.82 -1.44
N ARG A 230 -1.27 -11.20 -1.89
CA ARG A 230 -2.09 -10.37 -1.03
C ARG A 230 -3.57 -10.73 -1.18
N VAL A 231 -4.31 -10.50 -0.11
CA VAL A 231 -5.76 -10.75 -0.09
C VAL A 231 -6.48 -9.43 -0.30
N PHE A 232 -7.49 -9.46 -1.15
CA PHE A 232 -8.33 -8.31 -1.41
C PHE A 232 -9.79 -8.73 -1.21
N CYS A 233 -10.54 -7.87 -0.56
CA CYS A 233 -11.98 -8.05 -0.43
C CYS A 233 -12.62 -6.83 -1.07
N LEU A 234 -13.13 -7.04 -2.29
CA LEU A 234 -13.85 -6.01 -3.01
C LEU A 234 -15.31 -6.15 -2.64
N SER A 235 -15.89 -5.04 -2.19
CA SER A 235 -17.30 -4.99 -1.78
C SER A 235 -18.04 -3.96 -2.62
N ILE A 236 -19.30 -4.26 -2.98
CA ILE A 236 -20.17 -3.32 -3.67
C ILE A 236 -21.48 -3.18 -2.90
N ARG A 237 -21.95 -1.94 -2.77
CA ARG A 237 -23.19 -1.67 -2.08
C ARG A 237 -24.33 -2.30 -2.88
N ASP A 238 -25.20 -3.02 -2.20
CA ASP A 238 -26.07 -3.97 -2.88
C ASP A 238 -27.10 -3.34 -3.81
N ASP A 239 -27.62 -2.16 -3.46
CA ASP A 239 -28.48 -1.40 -4.38
C ASP A 239 -27.72 -0.92 -5.62
N TYR A 240 -26.43 -0.60 -5.45
CA TYR A 240 -25.62 -0.13 -6.57
C TYR A 240 -25.32 -1.28 -7.53
N LEU A 241 -25.17 -2.47 -6.97
CA LEU A 241 -25.00 -3.70 -7.75
C LEU A 241 -26.20 -3.89 -8.67
N GLU A 242 -27.39 -3.75 -8.10
CA GLU A 242 -28.64 -3.88 -8.86
C GLU A 242 -28.73 -2.78 -9.93
N LYS A 243 -28.38 -1.56 -9.58
CA LYS A 243 -28.44 -0.44 -10.52
C LYS A 243 -27.48 -0.56 -11.71
N THR A 244 -26.24 -1.00 -11.46
CA THR A 244 -25.22 -1.08 -12.50
C THR A 244 -25.21 -2.38 -13.26
N GLY A 245 -25.67 -3.47 -12.63
CA GLY A 245 -25.49 -4.80 -13.18
C GLY A 245 -24.06 -5.31 -13.10
N PHE A 246 -23.27 -4.72 -12.20
CA PHE A 246 -21.90 -5.13 -11.96
C PHE A 246 -21.83 -6.63 -11.69
N LYS A 247 -20.82 -7.28 -12.24
CA LYS A 247 -20.49 -8.66 -11.92
C LYS A 247 -19.03 -8.71 -11.52
N PHE A 248 -18.70 -9.49 -10.49
CA PHE A 248 -17.31 -9.64 -10.05
C PHE A 248 -16.54 -10.42 -11.11
N LYS A 249 -15.34 -9.94 -11.43
CA LYS A 249 -14.48 -10.64 -12.40
C LYS A 249 -13.61 -11.67 -11.71
N GLU A 250 -13.24 -12.72 -12.45
CA GLU A 250 -12.42 -13.80 -11.91
C GLU A 250 -10.92 -13.47 -12.01
N LEU A 251 -10.47 -12.62 -11.11
CA LEU A 251 -9.11 -12.09 -11.17
C LEU A 251 -8.03 -13.11 -10.81
N GLU A 252 -8.37 -14.13 -10.03
CA GLU A 252 -7.38 -15.14 -9.67
C GLU A 252 -6.88 -15.99 -10.85
N LYS A 253 -7.58 -15.96 -11.99
CA LYS A 253 -7.14 -16.68 -13.19
C LYS A 253 -6.23 -15.84 -14.09
N VAL A 254 -6.10 -14.55 -13.82
CA VAL A 254 -5.32 -13.68 -14.66
C VAL A 254 -3.82 -14.03 -14.55
N LYS A 255 -3.16 -14.17 -15.69
CA LYS A 255 -1.71 -14.39 -15.72
C LYS A 255 -1.12 -13.61 -16.87
N ASN A 256 -0.53 -12.46 -16.58
CA ASN A 256 0.07 -11.61 -17.60
C ASN A 256 1.47 -12.11 -17.92
N PRO A 257 2.10 -11.61 -19.00
CA PRO A 257 3.41 -12.14 -19.32
C PRO A 257 4.38 -11.91 -18.14
N PRO A 258 5.36 -12.80 -17.96
N PRO A 258 5.34 -12.83 -17.94
CA PRO A 258 6.31 -12.62 -16.84
CA PRO A 258 6.26 -12.66 -16.81
C PRO A 258 7.22 -11.39 -17.00
C PRO A 258 7.14 -11.42 -16.95
N LYS A 259 7.76 -10.93 -15.88
N LYS A 259 7.41 -10.77 -15.82
CA LYS A 259 8.72 -9.83 -15.87
CA LYS A 259 8.41 -9.74 -15.75
C LYS A 259 9.85 -10.25 -14.95
C LYS A 259 9.48 -10.23 -14.79
N LYS A 260 11.09 -9.88 -15.29
N LYS A 260 10.73 -9.85 -15.08
CA LYS A 260 12.27 -10.28 -14.52
CA LYS A 260 11.91 -10.28 -14.30
C LYS A 260 12.77 -9.08 -13.72
C LYS A 260 12.67 -9.09 -13.68
N ILE A 261 13.46 -9.37 -12.63
CA ILE A 261 14.12 -8.31 -11.84
C ILE A 261 14.98 -7.38 -12.72
N LYS A 262 15.69 -7.99 -13.69
N LYS A 262 15.68 -8.00 -13.68
CA LYS A 262 16.55 -7.21 -14.59
CA LYS A 262 16.52 -7.29 -14.64
C LYS A 262 15.78 -6.12 -15.36
C LYS A 262 15.78 -6.15 -15.33
N ASP A 263 14.48 -6.33 -15.57
CA ASP A 263 13.66 -5.34 -16.27
C ASP A 263 13.49 -4.00 -15.52
N ILE A 264 13.71 -3.97 -14.20
CA ILE A 264 13.57 -2.71 -13.43
C ILE A 264 14.88 -2.12 -12.92
N LEU A 265 15.98 -2.82 -13.10
CA LEU A 265 17.25 -2.37 -12.52
C LEU A 265 17.72 -1.08 -13.18
N VAL A 266 18.35 -0.23 -12.38
CA VAL A 266 18.85 1.06 -12.81
C VAL A 266 20.39 0.95 -12.92
N ASP A 267 20.93 1.39 -14.05
CA ASP A 267 22.39 1.37 -14.26
C ASP A 267 23.06 2.47 -13.45
N SER A 268 24.16 2.13 -12.79
CA SER A 268 24.97 3.12 -12.11
C SER A 268 26.41 2.66 -12.06
N SER A 269 27.32 3.62 -11.99
N SER A 269 27.34 3.60 -12.08
CA SER A 269 28.72 3.34 -11.76
CA SER A 269 28.77 3.32 -12.00
C SER A 269 29.08 3.39 -10.26
C SER A 269 29.26 3.47 -10.57
N ASN A 270 28.16 3.79 -9.39
N ASN A 270 28.32 3.58 -9.62
CA ASN A 270 28.53 4.09 -8.02
CA ASN A 270 28.60 4.03 -8.23
C ASN A 270 27.68 3.33 -7.03
C ASN A 270 27.90 3.26 -7.08
N TYR A 271 27.33 2.09 -7.37
CA TYR A 271 26.66 1.27 -6.36
C TYR A 271 27.68 0.71 -5.36
N LYS A 272 27.17 0.36 -4.18
N LYS A 272 27.19 0.38 -4.17
CA LYS A 272 27.96 -0.31 -3.16
CA LYS A 272 27.97 -0.31 -3.17
C LYS A 272 27.71 -1.81 -3.28
C LYS A 272 27.72 -1.81 -3.30
N TYR A 273 28.79 -2.59 -3.40
CA TYR A 273 28.68 -4.05 -3.54
C TYR A 273 29.11 -4.72 -2.25
N LEU A 274 28.47 -5.83 -1.94
CA LEU A 274 28.72 -6.52 -0.68
C LEU A 274 29.90 -7.43 -0.82
N ASN A 275 30.74 -7.46 0.23
CA ASN A 275 31.83 -8.42 0.29
C ASN A 275 31.32 -9.73 0.87
N LEU A 276 31.12 -10.70 -0.02
CA LEU A 276 30.65 -12.02 0.37
C LEU A 276 31.74 -13.08 0.25
N ASN A 277 33.00 -12.65 0.18
CA ASN A 277 34.09 -13.60 -0.05
C ASN A 277 34.23 -14.68 1.04
N LYS A 278 33.81 -14.37 2.26
N LYS A 278 33.83 -14.39 2.27
CA LYS A 278 33.93 -15.31 3.38
CA LYS A 278 33.93 -15.34 3.37
C LYS A 278 32.93 -16.47 3.35
C LYS A 278 32.96 -16.53 3.28
N TYR A 279 31.88 -16.36 2.53
CA TYR A 279 30.75 -17.29 2.60
C TYR A 279 30.70 -18.27 1.44
N GLU A 280 30.53 -19.55 1.79
N GLU A 280 30.54 -19.54 1.78
CA GLU A 280 30.34 -20.60 0.79
CA GLU A 280 30.33 -20.61 0.81
C GLU A 280 28.93 -20.49 0.23
C GLU A 280 28.94 -20.47 0.22
N THR A 281 28.77 -20.94 -1.01
CA THR A 281 27.49 -20.87 -1.69
C THR A 281 27.33 -22.07 -2.61
N THR A 282 26.28 -22.04 -3.41
CA THR A 282 25.90 -23.16 -4.27
C THR A 282 25.43 -22.60 -5.60
N THR A 283 25.01 -23.49 -6.48
CA THR A 283 24.33 -23.09 -7.71
C THR A 283 22.98 -22.44 -7.38
N PHE A 284 22.48 -21.64 -8.31
CA PHE A 284 21.12 -21.12 -8.23
C PHE A 284 20.12 -22.24 -8.44
N ARG A 285 19.00 -22.15 -7.72
N ARG A 285 18.99 -22.16 -7.74
CA ARG A 285 17.87 -23.06 -7.90
CA ARG A 285 17.89 -23.08 -7.98
C ARG A 285 16.61 -22.24 -8.12
C ARG A 285 16.61 -22.26 -8.12
N GLU A 286 15.76 -22.69 -9.05
CA GLU A 286 14.46 -22.05 -9.29
C GLU A 286 13.36 -22.87 -8.64
N THR A 287 12.53 -22.23 -7.82
CA THR A 287 11.36 -22.89 -7.23
C THR A 287 10.15 -22.78 -8.15
N LYS A 288 9.06 -23.43 -7.74
N LYS A 288 9.04 -23.39 -7.77
CA LYS A 288 7.79 -23.38 -8.47
CA LYS A 288 7.84 -23.35 -8.61
C LYS A 288 7.30 -21.95 -8.71
C LYS A 288 7.23 -21.95 -8.70
N SER A 289 7.57 -21.07 -7.75
CA SER A 289 7.14 -19.67 -7.83
C SER A 289 7.96 -18.74 -8.75
N ASN A 290 8.94 -19.29 -9.47
N ASN A 290 8.93 -19.30 -9.45
CA ASN A 290 9.81 -18.54 -10.40
CA ASN A 290 9.77 -18.55 -10.39
C ASN A 290 10.89 -17.69 -9.70
C ASN A 290 10.87 -17.70 -9.70
N ILE A 291 11.06 -17.91 -8.39
CA ILE A 291 12.17 -17.27 -7.63
C ILE A 291 13.43 -18.10 -7.82
N ILE A 292 14.51 -17.45 -8.25
CA ILE A 292 15.76 -18.12 -8.54
C ILE A 292 16.77 -17.59 -7.53
N SER A 293 17.27 -18.46 -6.66
CA SER A 293 18.07 -17.99 -5.51
C SER A 293 19.15 -18.99 -5.14
N ARG A 294 20.15 -18.52 -4.41
CA ARG A 294 21.15 -19.40 -3.84
C ARG A 294 21.47 -18.94 -2.42
N PRO A 295 21.78 -19.89 -1.52
CA PRO A 295 22.08 -19.56 -0.14
C PRO A 295 23.53 -19.18 0.10
N LEU A 296 23.73 -18.34 1.11
CA LEU A 296 25.04 -18.09 1.68
C LEU A 296 25.18 -18.88 2.97
N LYS A 297 26.27 -19.65 3.09
N LYS A 297 26.27 -19.64 3.08
CA LYS A 297 26.49 -20.51 4.26
CA LYS A 297 26.52 -20.48 4.25
C LYS A 297 27.25 -19.73 5.33
C LYS A 297 27.25 -19.70 5.33
N ASN A 298 26.89 -19.95 6.59
CA ASN A 298 27.53 -19.26 7.73
C ASN A 298 27.44 -17.73 7.64
N TYR A 299 26.34 -17.23 7.08
CA TYR A 299 26.14 -15.80 6.83
C TYR A 299 25.39 -15.25 8.04
N THR A 300 24.16 -15.70 8.26
CA THR A 300 23.44 -15.42 9.51
C THR A 300 22.68 -16.67 9.94
N THR A 301 22.01 -16.59 11.08
CA THR A 301 21.14 -17.67 11.52
C THR A 301 19.69 -17.44 11.10
N PHE A 302 19.45 -16.39 10.32
CA PHE A 302 18.11 -15.99 9.94
C PHE A 302 17.88 -16.34 8.47
N ASN A 303 17.11 -17.41 8.24
CA ASN A 303 17.01 -18.00 6.90
C ASN A 303 16.76 -16.98 5.79
N SER A 304 15.78 -16.11 5.99
N SER A 304 15.77 -16.13 5.98
CA SER A 304 15.39 -15.16 4.95
CA SER A 304 15.39 -15.12 4.98
C SER A 304 16.46 -14.11 4.62
C SER A 304 16.54 -14.21 4.57
N GLU A 305 17.46 -13.95 5.48
CA GLU A 305 18.59 -13.05 5.21
C GLU A 305 19.67 -13.72 4.35
N ASN A 306 19.61 -15.05 4.21
CA ASN A 306 20.75 -15.80 3.68
C ASN A 306 20.70 -16.07 2.18
N TYR A 307 19.77 -15.44 1.45
CA TYR A 307 19.63 -15.69 0.02
C TYR A 307 20.11 -14.55 -0.87
N VAL A 308 20.71 -14.94 -2.00
CA VAL A 308 21.02 -14.03 -3.10
C VAL A 308 20.13 -14.41 -4.27
N TYR A 309 19.52 -13.41 -4.89
CA TYR A 309 18.54 -13.63 -5.94
C TYR A 309 19.12 -13.40 -7.34
N ASN A 310 18.69 -14.22 -8.29
CA ASN A 310 19.11 -14.10 -9.69
C ASN A 310 18.19 -13.12 -10.40
N ILE A 311 18.76 -12.21 -11.18
CA ILE A 311 17.96 -11.17 -11.81
C ILE A 311 17.15 -11.64 -13.02
N ASN A 312 17.32 -12.90 -13.42
CA ASN A 312 16.55 -13.46 -14.52
C ASN A 312 15.25 -14.10 -14.09
N GLY A 313 14.97 -14.09 -12.78
CA GLY A 313 13.69 -14.51 -12.25
C GLY A 313 12.98 -13.40 -11.51
N ILE A 314 12.02 -13.77 -10.67
CA ILE A 314 11.34 -12.79 -9.81
C ILE A 314 11.94 -12.81 -8.42
N GLY A 315 11.71 -11.74 -7.68
CA GLY A 315 12.27 -11.61 -6.36
C GLY A 315 11.24 -11.93 -5.29
N PRO A 316 11.65 -11.80 -4.03
CA PRO A 316 10.80 -12.06 -2.89
C PRO A 316 9.90 -10.87 -2.57
N THR A 317 8.91 -11.08 -1.72
CA THR A 317 8.07 -10.02 -1.19
C THR A 317 8.93 -8.96 -0.52
N LEU A 318 8.80 -7.70 -0.96
CA LEU A 318 9.48 -6.59 -0.31
C LEU A 318 8.77 -6.27 1.00
N THR A 319 9.46 -6.41 2.11
CA THR A 319 8.93 -6.00 3.40
C THR A 319 9.40 -4.60 3.77
N ALA A 320 8.72 -4.00 4.75
CA ALA A 320 9.10 -2.67 5.20
C ALA A 320 10.44 -2.66 5.91
N SER A 321 10.73 -3.71 6.66
CA SER A 321 11.95 -3.82 7.48
C SER A 321 12.62 -5.19 7.33
N GLY A 322 13.78 -5.35 7.96
CA GLY A 322 14.42 -6.66 8.06
C GLY A 322 14.91 -7.28 6.75
N ALA A 323 14.98 -8.60 6.76
CA ALA A 323 15.62 -9.37 5.71
C ALA A 323 15.05 -9.08 4.32
N ASN A 324 13.73 -9.06 4.21
CA ASN A 324 13.10 -8.84 2.90
C ASN A 324 12.99 -7.36 2.50
N SER A 325 13.58 -6.47 3.29
CA SER A 325 13.79 -5.10 2.88
C SER A 325 15.22 -4.88 2.35
N ARG A 326 16.06 -5.90 2.52
CA ARG A 326 17.45 -5.92 2.12
C ARG A 326 17.65 -7.01 1.06
N ILE A 327 17.16 -6.77 -0.15
CA ILE A 327 17.05 -7.83 -1.15
C ILE A 327 18.36 -7.87 -1.96
N LYS A 328 19.16 -8.93 -1.77
CA LYS A 328 20.45 -9.06 -2.45
C LYS A 328 20.27 -9.66 -3.85
N ILE A 329 20.81 -8.96 -4.84
CA ILE A 329 20.77 -9.42 -6.23
C ILE A 329 22.19 -9.59 -6.78
N GLU A 330 22.36 -10.61 -7.62
CA GLU A 330 23.63 -10.85 -8.29
C GLU A 330 23.65 -10.14 -9.65
N THR A 331 24.59 -9.22 -9.82
CA THR A 331 24.80 -8.53 -11.09
C THR A 331 26.24 -8.77 -11.57
N GLN A 332 26.51 -8.41 -12.83
N GLN A 332 26.52 -8.41 -12.82
CA GLN A 332 27.86 -8.51 -13.39
CA GLN A 332 27.87 -8.53 -13.36
C GLN A 332 28.88 -7.79 -12.52
C GLN A 332 28.88 -7.80 -12.50
N GLN A 333 28.48 -6.67 -11.94
CA GLN A 333 29.36 -5.82 -11.12
C GLN A 333 29.55 -6.30 -9.68
N GLY A 334 28.75 -7.28 -9.24
CA GLY A 334 28.82 -7.82 -7.88
C GLY A 334 27.42 -7.98 -7.30
N VAL A 335 27.36 -8.39 -6.04
CA VAL A 335 26.10 -8.52 -5.33
C VAL A 335 25.82 -7.23 -4.59
N ARG A 336 24.60 -6.71 -4.75
CA ARG A 336 24.18 -5.51 -4.05
C ARG A 336 22.71 -5.62 -3.63
N TYR A 337 22.30 -4.69 -2.78
CA TYR A 337 20.87 -4.54 -2.47
C TYR A 337 20.11 -3.78 -3.56
N LEU A 338 18.85 -4.15 -3.74
CA LEU A 338 17.90 -3.30 -4.46
C LEU A 338 17.88 -1.94 -3.78
N THR A 339 18.06 -0.89 -4.56
CA THR A 339 18.10 0.48 -4.03
C THR A 339 16.70 1.00 -3.72
N PRO A 340 16.60 2.11 -2.97
CA PRO A 340 15.29 2.70 -2.73
C PRO A 340 14.51 3.02 -4.02
N LEU A 341 15.16 3.58 -5.03
CA LEU A 341 14.52 3.80 -6.31
C LEU A 341 13.99 2.49 -6.89
N GLU A 342 14.84 1.48 -6.92
CA GLU A 342 14.44 0.18 -7.46
C GLU A 342 13.31 -0.45 -6.64
N CYS A 343 13.27 -0.19 -5.33
CA CYS A 343 12.16 -0.64 -4.49
C CYS A 343 10.84 0.07 -4.86
N PHE A 344 10.87 1.37 -5.16
CA PHE A 344 9.70 2.07 -5.66
C PHE A 344 9.23 1.43 -6.99
N LYS A 345 10.17 1.14 -7.87
CA LYS A 345 9.83 0.49 -9.16
C LYS A 345 9.29 -0.92 -8.96
N TYR A 346 9.82 -1.61 -7.96
CA TYR A 346 9.40 -2.96 -7.57
C TYR A 346 7.95 -3.01 -7.09
N MET A 347 7.46 -1.89 -6.54
CA MET A 347 6.07 -1.74 -6.14
C MET A 347 5.21 -1.05 -7.20
N GLN A 348 5.78 -0.85 -8.38
CA GLN A 348 5.15 -0.27 -9.57
C GLN A 348 4.75 1.20 -9.44
N PHE A 349 5.46 1.92 -8.57
CA PHE A 349 5.50 3.37 -8.63
C PHE A 349 6.49 3.72 -9.72
N ASP A 350 6.46 4.99 -10.13
N ASP A 350 6.47 4.96 -10.21
CA ASP A 350 7.30 5.50 -11.22
CA ASP A 350 7.42 5.29 -11.27
C ASP A 350 8.60 6.09 -10.68
C ASP A 350 8.55 6.15 -10.74
N VAL A 351 9.59 6.29 -11.56
CA VAL A 351 10.81 6.99 -11.17
C VAL A 351 10.51 8.40 -10.68
N ASN A 352 9.59 9.10 -11.35
CA ASN A 352 9.22 10.46 -10.95
C ASN A 352 8.59 10.53 -9.55
N ASP A 353 7.81 9.50 -9.19
CA ASP A 353 7.27 9.42 -7.82
C ASP A 353 8.41 9.35 -6.83
N PHE A 354 9.40 8.48 -7.10
CA PHE A 354 10.54 8.37 -6.19
C PHE A 354 11.33 9.67 -6.10
N LYS A 355 11.59 10.29 -7.24
N LYS A 355 11.59 10.29 -7.24
CA LYS A 355 12.32 11.57 -7.26
CA LYS A 355 12.32 11.56 -7.25
C LYS A 355 11.64 12.64 -6.42
C LYS A 355 11.64 12.64 -6.43
N LYS A 356 10.31 12.67 -6.47
CA LYS A 356 9.54 13.64 -5.67
C LYS A 356 9.72 13.41 -4.16
N VAL A 357 9.75 12.15 -3.74
CA VAL A 357 9.96 11.82 -2.34
C VAL A 357 11.38 12.17 -1.94
N GLN A 358 12.34 11.79 -2.79
CA GLN A 358 13.76 12.04 -2.52
C GLN A 358 14.03 13.54 -2.41
N SER A 359 13.41 14.30 -3.31
CA SER A 359 13.57 15.75 -3.34
C SER A 359 13.03 16.50 -2.12
N THR A 360 12.19 15.87 -1.29
CA THR A 360 11.75 16.53 -0.07
C THR A 360 12.92 16.72 0.89
N ASN A 361 13.94 15.88 0.74
CA ASN A 361 15.08 15.83 1.67
C ASN A 361 14.66 15.59 3.13
N LEU A 362 13.54 14.90 3.32
CA LEU A 362 13.02 14.61 4.66
C LEU A 362 12.91 13.11 4.98
N ILE A 363 13.09 12.26 3.97
CA ILE A 363 12.90 10.82 4.14
C ILE A 363 14.19 10.05 3.84
N SER A 364 14.70 9.34 4.84
CA SER A 364 15.95 8.59 4.69
C SER A 364 15.77 7.44 3.73
N GLU A 365 16.88 6.91 3.23
CA GLU A 365 16.82 5.75 2.33
C GLU A 365 16.05 4.58 2.95
N ASN A 366 16.36 4.24 4.20
CA ASN A 366 15.66 3.14 4.87
C ASN A 366 14.18 3.43 5.09
N LYS A 367 13.84 4.69 5.38
CA LYS A 367 12.45 5.08 5.51
C LYS A 367 11.71 5.02 4.18
N MET A 368 12.38 5.38 3.09
N MET A 368 12.38 5.36 3.08
CA MET A 368 11.80 5.21 1.74
CA MET A 368 11.76 5.24 1.76
C MET A 368 11.41 3.76 1.50
C MET A 368 11.45 3.77 1.42
N ILE A 369 12.35 2.86 1.80
CA ILE A 369 12.08 1.42 1.62
C ILE A 369 10.95 0.96 2.54
N TYR A 370 10.93 1.47 3.77
CA TYR A 370 9.88 1.14 4.72
C TYR A 370 8.47 1.45 4.16
N ILE A 371 8.30 2.65 3.63
CA ILE A 371 7.01 3.05 3.06
C ILE A 371 6.68 2.30 1.78
N ALA A 372 7.68 1.99 0.97
CA ALA A 372 7.47 1.17 -0.24
C ALA A 372 7.04 -0.23 0.16
N GLY A 373 7.70 -0.79 1.16
CA GLY A 373 7.39 -2.14 1.63
C GLY A 373 6.01 -2.29 2.24
N ASN A 374 5.49 -1.20 2.80
CA ASN A 374 4.14 -1.16 3.30
C ASN A 374 3.04 -0.96 2.24
N SER A 375 3.44 -0.62 1.02
N SER A 375 3.43 -0.62 1.02
N SER A 375 3.45 -0.62 1.01
CA SER A 375 2.48 -0.28 -0.03
CA SER A 375 2.45 -0.28 -0.02
CA SER A 375 2.50 -0.27 -0.04
C SER A 375 1.95 -1.51 -0.77
C SER A 375 1.95 -1.51 -0.77
C SER A 375 1.94 -1.50 -0.76
N ILE A 376 1.22 -1.27 -1.85
CA ILE A 376 0.62 -2.33 -2.65
C ILE A 376 1.07 -2.17 -4.08
N PRO A 377 1.49 -3.28 -4.75
CA PRO A 377 1.92 -3.11 -6.12
C PRO A 377 0.82 -2.51 -6.98
N VAL A 378 1.15 -1.40 -7.63
CA VAL A 378 0.15 -0.52 -8.22
C VAL A 378 -0.71 -1.21 -9.29
N LYS A 379 -0.11 -2.09 -10.09
N LYS A 379 -0.11 -2.08 -10.10
CA LYS A 379 -0.85 -2.73 -11.18
CA LYS A 379 -0.85 -2.73 -11.18
C LYS A 379 -1.86 -3.78 -10.72
C LYS A 379 -1.87 -3.76 -10.71
N ILE A 380 -1.71 -4.32 -9.51
CA ILE A 380 -2.75 -5.21 -8.95
C ILE A 380 -4.02 -4.38 -8.74
N LEU A 381 -3.85 -3.19 -8.17
CA LEU A 381 -4.95 -2.27 -7.93
C LEU A 381 -5.58 -1.75 -9.23
N GLU A 382 -4.75 -1.46 -10.22
CA GLU A 382 -5.27 -1.07 -11.55
C GLU A 382 -6.23 -2.14 -12.08
N ALA A 383 -5.82 -3.40 -11.97
CA ALA A 383 -6.64 -4.52 -12.43
C ALA A 383 -7.95 -4.64 -11.68
N ILE A 384 -7.91 -4.47 -10.35
CA ILE A 384 -9.15 -4.50 -9.56
C ILE A 384 -10.06 -3.33 -9.96
N PHE A 385 -9.51 -2.12 -9.96
CA PHE A 385 -10.30 -0.93 -10.23
C PHE A 385 -10.86 -0.88 -11.66
N ASN A 386 -10.15 -1.51 -12.59
N ASN A 386 -10.15 -1.52 -12.60
CA ASN A 386 -10.62 -1.66 -13.97
CA ASN A 386 -10.64 -1.64 -13.97
C ASN A 386 -11.95 -2.41 -14.09
C ASN A 386 -11.97 -2.39 -14.07
N THR A 387 -12.28 -3.21 -13.08
CA THR A 387 -13.54 -3.96 -13.06
C THR A 387 -14.76 -3.21 -12.51
N LEU A 388 -14.54 -2.03 -11.93
N LEU A 388 -14.53 -2.04 -11.91
CA LEU A 388 -15.62 -1.29 -11.30
CA LEU A 388 -15.62 -1.29 -11.30
C LEU A 388 -16.54 -0.65 -12.34
C LEU A 388 -16.54 -0.66 -12.34
N GLU A 389 -17.82 -0.59 -12.01
CA GLU A 389 -18.86 -0.03 -12.87
C GLU A 389 -19.56 1.12 -12.16
N PHE A 390 -19.70 2.25 -12.84
CA PHE A 390 -20.43 3.39 -12.32
C PHE A 390 -21.53 3.83 -13.29
N VAL A 391 -22.66 4.27 -12.74
CA VAL A 391 -23.77 4.79 -13.56
C VAL A 391 -23.44 6.20 -14.05
N ASN A 392 -24.04 6.57 -15.17
CA ASN A 392 -23.76 7.85 -15.83
C ASN A 392 -24.35 9.07 -15.10
N ASN A 393 -25.15 8.80 -14.06
CA ASN A 393 -25.64 9.85 -13.15
C ASN A 393 -24.48 10.61 -12.50
P 5OC B 8 4.49 -10.81 4.22
N1 5OC B 8 2.28 -5.06 4.45
C2 5OC B 8 1.45 -5.17 3.40
O2 5OC B 8 1.84 -5.41 2.25
N3 5OC B 8 0.08 -5.01 3.57
C4 5OC B 8 -0.47 -4.78 4.82
N4 5OC B 8 -1.78 -4.64 5.00
C5 5OC B 8 0.36 -4.70 5.94
O5 5OC B 8 -0.20 -4.47 7.17
C6 5OC B 8 1.73 -4.85 5.77
C1' 5OC B 8 3.73 -5.26 4.24
C2' 5OC B 8 4.66 -4.78 5.36
C3' 5OC B 8 5.20 -6.03 6.01
O3' 5OC B 8 6.60 -5.86 6.28
C4' 5OC B 8 5.07 -7.01 4.85
O4' 5OC B 8 3.84 -6.68 4.24
C5' 5OC B 8 4.99 -8.47 5.31
O5' 5OC B 8 4.99 -9.28 4.13
OP1 5OC B 8 3.54 -10.97 5.33
OP2 5OC B 8 4.07 -11.15 2.85
N1 5CM C 7 17.89 -12.05 13.47
C2 5CM C 7 16.65 -11.43 13.18
N3 5CM C 7 16.44 -10.83 11.99
C4 5CM C 7 17.40 -10.81 11.03
C5 5CM C 7 18.72 -11.43 11.33
C5A 5CM C 7 19.86 -11.46 10.32
C6 5CM C 7 18.89 -12.05 12.57
O2 5CM C 7 15.74 -11.44 14.02
N4 5CM C 7 17.15 -10.22 9.86
C1' 5CM C 7 18.07 -12.69 14.77
C2' 5CM C 7 18.44 -14.18 14.69
C3' 5CM C 7 19.23 -14.43 15.96
C4' 5CM C 7 19.48 -13.04 16.54
O4' 5CM C 7 19.12 -12.09 15.52
O3' 5CM C 7 18.50 -15.20 16.92
C5' 5CM C 7 20.92 -12.86 16.94
O5' 5CM C 7 21.76 -13.11 15.83
P 5CM C 7 23.27 -12.59 15.88
OP1 5CM C 7 23.85 -13.06 17.18
OP2 5CM C 7 23.91 -12.92 14.56
N SAM D . -1.85 0.84 1.37
CA SAM D . -0.91 1.87 1.82
C SAM D . -0.10 2.38 0.63
O SAM D . -0.65 2.47 -0.47
OXT SAM D . 1.09 2.74 0.74
CB SAM D . -0.04 1.34 2.97
CG SAM D . -0.86 0.74 4.12
SD SAM D . 0.04 0.35 5.48
CE SAM D . 0.43 -1.28 5.44
C5' SAM D . -0.82 0.63 6.87
C4' SAM D . -0.83 2.12 7.24
O4' SAM D . -1.75 2.38 8.29
C3' SAM D . 0.52 2.64 7.70
O3' SAM D . 0.95 3.66 6.77
C2' SAM D . 0.25 3.19 9.10
O2' SAM D . 0.94 4.38 9.39
C1' SAM D . -1.25 3.46 9.08
N9 SAM D . -1.89 3.49 10.41
C8 SAM D . -1.70 2.68 11.46
N7 SAM D . -2.49 3.06 12.50
C5 SAM D . -3.19 4.14 12.11
C6 SAM D . -4.19 5.05 12.69
N6 SAM D . -4.64 4.89 13.95
N1 SAM D . -4.67 6.04 11.91
C2 SAM D . -4.23 6.23 10.65
N3 SAM D . -3.30 5.46 10.07
C4 SAM D . -2.77 4.41 10.73
C1 GOL E . 20.15 -1.46 2.45
O1 GOL E . 18.95 -0.80 2.01
C2 GOL E . 20.59 -0.97 3.84
O2 GOL E . 19.51 -0.93 4.80
C3 GOL E . 21.67 -1.89 4.39
O3 GOL E . 22.43 -1.14 5.35
C1 GOL F . -6.26 27.06 12.36
O1 GOL F . -7.28 27.91 12.90
C2 GOL F . -5.88 25.98 13.39
O2 GOL F . -4.46 25.97 13.62
C3 GOL F . -6.34 24.62 12.88
O3 GOL F . -6.23 23.61 13.89
C1 GOL G . -2.03 -1.70 10.25
O1 GOL G . -1.55 -2.41 11.41
C2 GOL G . -2.08 -2.65 9.07
O2 GOL G . -2.15 -4.03 9.46
C3 GOL G . -3.30 -2.38 8.20
O3 GOL G . -3.35 -3.43 7.23
C1 GOL H . 25.62 -10.44 7.87
O1 GOL H . 27.05 -10.46 7.75
C2 GOL H . 25.08 -9.11 7.35
O2 GOL H . 25.41 -8.06 8.28
C3 GOL H . 23.57 -9.19 7.15
O3 GOL H . 22.89 -9.28 8.41
C1 GOL I . 16.17 12.36 6.70
O1 GOL I . 16.60 11.72 7.90
C2 GOL I . 17.37 12.65 5.78
O2 GOL I . 18.10 11.44 5.52
C3 GOL I . 16.89 13.29 4.48
O3 GOL I . 17.48 12.67 3.32
C1 GOL J . 27.18 -19.54 -8.97
O1 GOL J . 27.01 -20.65 -8.07
C2 GOL J . 27.40 -18.25 -8.16
O2 GOL J . 26.67 -17.18 -8.76
C3 GOL J . 28.88 -17.92 -8.11
O3 GOL J . 29.40 -18.14 -6.77
C1 GOL K . -9.32 15.09 12.40
O1 GOL K . -10.69 15.47 12.29
C2 GOL K . -8.63 15.99 13.42
O2 GOL K . -9.11 15.62 14.72
C3 GOL K . -7.11 15.88 13.33
O3 GOL K . -6.55 17.06 12.70
C1 GOL L . 14.76 -18.54 -0.96
O1 GOL L . 14.35 -18.28 -2.30
C2 GOL L . 13.54 -18.87 -0.11
O2 GOL L . 13.97 -19.28 1.20
C3 GOL L . 12.75 -20.01 -0.75
O3 GOL L . 12.34 -19.66 -2.08
C CO3 M . 10.68 -12.77 7.71
O1 CO3 M . 10.81 -12.00 6.75
O2 CO3 M . 9.94 -12.49 8.63
O3 CO3 M . 11.29 -13.83 7.72
#